data_3S70
#
_entry.id   3S70
#
_cell.length_a   55.390
_cell.length_b   89.450
_cell.length_c   61.130
_cell.angle_alpha   90.00
_cell.angle_beta   111.70
_cell.angle_gamma   90.00
#
_symmetry.space_group_name_H-M   'P 1 21 1'
#
loop_
_entity.id
_entity.type
_entity.pdbx_description
1 polymer Caspase-6
2 polymer 'aldehyde inhibitor Ac-VEID-CHO'
3 non-polymer 'CACODYLATE ION'
4 non-polymer 'ACETATE ION'
5 non-polymer 'MAGNESIUM ION'
6 water water
#
loop_
_entity_poly.entity_id
_entity_poly.type
_entity_poly.pdbx_seq_one_letter_code
_entity_poly.pdbx_strand_id
1 'polypeptide(L)'
;AFYKREMFDPAEKYKMDHRRRGIALIFNHERFFWHLTLPERRGTCADRDNLTRRFSDLGFEVKCFNDLKAEELLLKIHEV
STVSHADADCFVCVFLSHGEGNHIYAYDAKIEIQTLTGLFKGDKCHSLVGKPKIFIIQACRGNQHDVPVIPLDVVDNQTE
KLDTNITEVDAASVYTLPAGADFLMCYSVAEGYYSHRETVNGSWYIQDLCEMLGKYGSSLEFTELLTLVNRKVSQRRVDF
CKDPSAIGKKQVPCFASMLTKKLHFFPKSNLEHHHHHH
;
A,C
2 'polypeptide(L)' (ACE)VEI(ASA) B,D
#
loop_
_chem_comp.id
_chem_comp.type
_chem_comp.name
_chem_comp.formula
ACE non-polymer 'ACETYL GROUP' 'C2 H4 O'
ACT non-polymer 'ACETATE ION' 'C2 H3 O2 -1'
CAC non-polymer 'CACODYLATE ION' 'C2 H6 As O2 -1'
MG non-polymer 'MAGNESIUM ION' 'Mg 2'
#
# COMPACT_ATOMS: atom_id res chain seq x y z
N PHE A 8 -1.74 10.50 23.35
CA PHE A 8 -1.88 9.93 22.01
C PHE A 8 -3.36 9.81 21.64
N ASP A 9 -3.75 10.44 20.53
CA ASP A 9 -5.16 10.51 20.14
C ASP A 9 -5.44 9.73 18.85
N PRO A 10 -6.14 8.60 18.97
CA PRO A 10 -6.47 7.78 17.79
C PRO A 10 -7.25 8.55 16.75
N ALA A 11 -7.95 9.60 17.16
CA ALA A 11 -8.81 10.35 16.26
C ALA A 11 -8.07 11.46 15.53
N GLU A 12 -6.79 11.65 15.82
CA GLU A 12 -6.06 12.79 15.25
C GLU A 12 -6.12 12.83 13.73
N LYS A 13 -6.40 14.02 13.20
CA LYS A 13 -6.52 14.25 11.77
C LYS A 13 -5.43 15.21 11.35
N TYR A 14 -5.00 15.13 10.09
CA TYR A 14 -4.17 16.19 9.54
C TYR A 14 -4.90 17.52 9.67
N LYS A 15 -4.15 18.58 9.98
CA LYS A 15 -4.68 19.92 9.94
C LYS A 15 -4.90 20.32 8.48
N MET A 16 -6.15 20.62 8.13
CA MET A 16 -6.50 20.99 6.75
C MET A 16 -7.13 22.38 6.76
N ASP A 17 -6.49 23.28 7.49
CA ASP A 17 -7.04 24.60 7.71
C ASP A 17 -6.18 25.69 7.08
N HIS A 18 -5.42 25.34 6.05
CA HIS A 18 -4.58 26.33 5.36
C HIS A 18 -5.41 27.21 4.42
N ARG A 19 -4.81 28.28 3.92
CA ARG A 19 -5.50 29.18 3.01
CA ARG A 19 -5.52 29.17 3.02
C ARG A 19 -6.04 28.45 1.79
N ARG A 20 -5.26 27.50 1.28
CA ARG A 20 -5.62 26.75 0.08
C ARG A 20 -5.65 25.26 0.34
N ARG A 21 -6.50 24.55 -0.39
CA ARG A 21 -6.47 23.09 -0.34
C ARG A 21 -5.14 22.60 -0.91
N GLY A 22 -4.76 23.13 -2.06
CA GLY A 22 -3.55 22.68 -2.72
C GLY A 22 -3.78 22.39 -4.20
N ILE A 23 -2.68 22.04 -4.87
CA ILE A 23 -2.72 21.76 -6.29
C ILE A 23 -3.00 20.27 -6.53
N ALA A 24 -3.81 19.98 -7.55
CA ALA A 24 -3.94 18.64 -8.09
C ALA A 24 -3.48 18.67 -9.54
N LEU A 25 -2.40 17.96 -9.83
CA LEU A 25 -1.89 17.85 -11.20
C LEU A 25 -2.46 16.61 -11.85
N ILE A 26 -2.84 16.72 -13.13
CA ILE A 26 -3.28 15.54 -13.87
C ILE A 26 -2.46 15.45 -15.15
N PHE A 27 -1.70 14.36 -15.28
CA PHE A 27 -1.00 14.08 -16.53
C PHE A 27 -1.81 13.07 -17.32
N ASN A 28 -2.34 13.55 -18.45
CA ASN A 28 -3.32 12.79 -19.23
C ASN A 28 -2.67 12.34 -20.53
N HIS A 29 -2.52 11.02 -20.70
CA HIS A 29 -1.81 10.46 -21.84
C HIS A 29 -2.71 9.60 -22.69
N GLU A 30 -2.98 10.08 -23.90
CA GLU A 30 -3.96 9.44 -24.78
C GLU A 30 -3.30 8.73 -25.95
N ARG A 31 -2.21 9.30 -26.45
CA ARG A 31 -1.48 8.78 -27.61
C ARG A 31 0.00 8.75 -27.30
N PHE A 32 0.76 7.91 -28.01
CA PHE A 32 2.18 7.74 -27.73
C PHE A 32 3.02 7.71 -29.01
N PHE A 33 4.30 8.02 -28.85
CA PHE A 33 5.23 8.00 -29.97
C PHE A 33 5.16 6.63 -30.65
N TRP A 34 5.11 6.64 -31.98
CA TRP A 34 4.75 5.44 -32.73
C TRP A 34 5.67 4.24 -32.49
N HIS A 35 6.95 4.51 -32.27
CA HIS A 35 7.91 3.44 -32.09
C HIS A 35 7.64 2.60 -30.82
N LEU A 36 6.92 3.18 -29.87
CA LEU A 36 6.59 2.44 -28.65
C LEU A 36 5.49 1.42 -28.88
N THR A 37 4.81 1.53 -30.02
CA THR A 37 3.68 0.68 -30.38
C THR A 37 2.71 0.45 -29.21
N LEU A 38 2.27 1.55 -28.60
CA LEU A 38 1.29 1.51 -27.52
C LEU A 38 -0.10 1.93 -28.05
N PRO A 39 -1.14 1.17 -27.67
CA PRO A 39 -2.48 1.50 -28.17
C PRO A 39 -2.93 2.82 -27.59
N GLU A 40 -3.73 3.55 -28.36
CA GLU A 40 -4.31 4.80 -27.87
C GLU A 40 -5.25 4.51 -26.70
N ARG A 41 -5.41 5.49 -25.83
CA ARG A 41 -6.18 5.30 -24.61
C ARG A 41 -7.50 6.07 -24.66
N ARG A 42 -8.33 5.72 -25.63
CA ARG A 42 -9.63 6.32 -25.77
CA ARG A 42 -9.64 6.32 -25.78
C ARG A 42 -10.40 6.23 -24.46
N GLY A 43 -10.99 7.35 -24.06
CA GLY A 43 -11.71 7.41 -22.81
C GLY A 43 -10.92 8.06 -21.69
N THR A 44 -9.63 8.29 -21.90
CA THR A 44 -8.84 8.92 -20.84
C THR A 44 -9.29 10.36 -20.58
N CYS A 45 -9.81 11.02 -21.61
CA CYS A 45 -10.29 12.38 -21.39
C CYS A 45 -11.50 12.45 -20.44
N ALA A 46 -12.36 11.44 -20.51
CA ALA A 46 -13.46 11.37 -19.56
C ALA A 46 -12.88 11.33 -18.14
N ASP A 47 -11.84 10.54 -17.93
CA ASP A 47 -11.21 10.48 -16.61
C ASP A 47 -10.70 11.85 -16.20
N ARG A 48 -10.01 12.51 -17.14
CA ARG A 48 -9.45 13.83 -16.85
C ARG A 48 -10.52 14.81 -16.40
N ASP A 49 -11.64 14.85 -17.12
CA ASP A 49 -12.71 15.78 -16.80
C ASP A 49 -13.38 15.43 -15.48
N ASN A 50 -13.59 14.13 -15.26
CA ASN A 50 -14.22 13.62 -14.05
C ASN A 50 -13.39 14.00 -12.80
N LEU A 51 -12.08 13.79 -12.89
CA LEU A 51 -11.18 14.15 -11.79
C LEU A 51 -11.15 15.65 -11.56
N THR A 52 -11.15 16.42 -12.66
CA THR A 52 -11.12 17.86 -12.52
C THR A 52 -12.36 18.34 -11.75
N ARG A 53 -13.51 17.80 -12.12
CA ARG A 53 -14.76 18.18 -11.45
C ARG A 53 -14.74 17.83 -9.96
N ARG A 54 -14.39 16.58 -9.67
CA ARG A 54 -14.51 16.11 -8.30
C ARG A 54 -13.44 16.74 -7.39
N PHE A 55 -12.22 16.91 -7.89
CA PHE A 55 -11.18 17.52 -7.07
C PHE A 55 -11.38 19.04 -6.94
N SER A 56 -11.84 19.69 -7.99
CA SER A 56 -12.21 21.11 -7.88
C SER A 56 -13.28 21.31 -6.81
N ASP A 57 -14.27 20.42 -6.78
CA ASP A 57 -15.36 20.53 -5.81
C ASP A 57 -14.88 20.40 -4.36
N LEU A 58 -13.72 19.75 -4.19
CA LEU A 58 -13.09 19.61 -2.88
C LEU A 58 -12.03 20.68 -2.64
N GLY A 59 -12.01 21.72 -3.46
CA GLY A 59 -11.16 22.87 -3.20
C GLY A 59 -9.82 22.93 -3.90
N PHE A 60 -9.46 21.85 -4.59
CA PHE A 60 -8.17 21.77 -5.27
C PHE A 60 -8.09 22.70 -6.46
N GLU A 61 -6.89 23.22 -6.67
CA GLU A 61 -6.57 23.95 -7.89
C GLU A 61 -6.04 22.92 -8.90
N VAL A 62 -6.89 22.56 -9.86
CA VAL A 62 -6.55 21.48 -10.78
C VAL A 62 -5.82 21.99 -12.02
N LYS A 63 -4.69 21.36 -12.32
CA LYS A 63 -3.91 21.68 -13.51
C LYS A 63 -3.76 20.41 -14.32
N CYS A 64 -3.90 20.50 -15.64
CA CYS A 64 -3.80 19.29 -16.45
C CYS A 64 -2.92 19.51 -17.66
N PHE A 65 -2.29 18.42 -18.10
CA PHE A 65 -1.39 18.47 -19.24
C PHE A 65 -1.61 17.22 -20.09
N ASN A 66 -1.72 17.41 -21.42
CA ASN A 66 -1.99 16.30 -22.33
C ASN A 66 -0.74 15.85 -23.07
N ASP A 67 -0.43 14.57 -22.98
CA ASP A 67 0.60 13.94 -23.83
C ASP A 67 1.98 14.62 -23.75
N LEU A 68 2.39 15.00 -22.54
CA LEU A 68 3.72 15.55 -22.39
C LEU A 68 4.79 14.50 -22.65
N LYS A 69 5.86 14.90 -23.33
CA LYS A 69 7.05 14.06 -23.42
C LYS A 69 7.72 13.96 -22.06
N ALA A 70 8.60 12.98 -21.88
CA ALA A 70 9.19 12.72 -20.57
C ALA A 70 9.94 13.94 -20.06
N GLU A 71 10.70 14.59 -20.93
CA GLU A 71 11.46 15.76 -20.52
C GLU A 71 10.53 16.87 -20.02
N GLU A 72 9.43 17.09 -20.74
CA GLU A 72 8.45 18.10 -20.37
C GLU A 72 7.77 17.77 -19.05
N LEU A 73 7.38 16.51 -18.91
CA LEU A 73 6.69 16.04 -17.71
C LEU A 73 7.60 16.22 -16.50
N LEU A 74 8.84 15.77 -16.64
CA LEU A 74 9.81 15.88 -15.56
C LEU A 74 10.04 17.34 -15.17
N LEU A 75 10.12 18.22 -16.17
CA LEU A 75 10.27 19.65 -15.90
C LEU A 75 9.07 20.20 -15.11
N LYS A 76 7.86 19.87 -15.55
CA LYS A 76 6.66 20.34 -14.88
C LYS A 76 6.60 19.89 -13.42
N ILE A 77 6.93 18.62 -13.21
CA ILE A 77 6.93 18.01 -11.89
C ILE A 77 7.99 18.63 -10.99
N HIS A 78 9.18 18.87 -11.54
CA HIS A 78 10.23 19.57 -10.79
C HIS A 78 9.76 20.96 -10.40
N GLU A 79 9.16 21.69 -11.34
CA GLU A 79 8.68 23.03 -11.05
C GLU A 79 7.73 23.03 -9.87
N VAL A 80 6.78 22.12 -9.91
CA VAL A 80 5.76 22.08 -8.88
C VAL A 80 6.36 21.68 -7.52
N SER A 81 7.41 20.86 -7.53
CA SER A 81 8.04 20.46 -6.27
C SER A 81 8.95 21.55 -5.73
N THR A 82 9.17 22.59 -6.54
CA THR A 82 10.02 23.72 -6.20
C THR A 82 9.23 24.92 -5.66
N VAL A 83 7.98 25.08 -6.09
CA VAL A 83 7.16 26.17 -5.60
C VAL A 83 6.77 25.93 -4.14
N SER A 84 6.45 27.01 -3.43
CA SER A 84 6.05 26.85 -2.03
C SER A 84 4.63 26.31 -1.91
N HIS A 85 4.46 25.29 -1.07
CA HIS A 85 3.15 24.76 -0.73
C HIS A 85 2.83 25.13 0.71
N ALA A 86 3.47 26.19 1.20
CA ALA A 86 3.32 26.55 2.61
C ALA A 86 1.89 26.84 3.01
N ASP A 87 1.13 27.50 2.14
CA ASP A 87 -0.26 27.83 2.48
C ASP A 87 -1.26 26.82 1.90
N ALA A 88 -0.79 25.59 1.65
CA ALA A 88 -1.66 24.51 1.15
C ALA A 88 -1.83 23.38 2.17
N ASP A 89 -2.96 22.68 2.10
CA ASP A 89 -3.22 21.53 2.95
C ASP A 89 -2.44 20.31 2.48
N CYS A 90 -2.34 20.13 1.17
CA CYS A 90 -1.79 18.88 0.65
C CYS A 90 -1.44 19.01 -0.83
N PHE A 91 -1.04 17.88 -1.42
CA PHE A 91 -0.69 17.87 -2.83
C PHE A 91 -1.23 16.59 -3.44
N VAL A 92 -1.87 16.71 -4.61
CA VAL A 92 -2.36 15.57 -5.37
C VAL A 92 -1.71 15.54 -6.75
N CYS A 93 -1.31 14.35 -7.20
CA CYS A 93 -0.71 14.19 -8.53
C CYS A 93 -1.27 12.94 -9.17
N VAL A 94 -1.90 13.10 -10.34
CA VAL A 94 -2.55 11.98 -11.02
C VAL A 94 -1.86 11.66 -12.34
N PHE A 95 -1.63 10.37 -12.59
CA PHE A 95 -1.10 9.93 -13.88
C PHE A 95 -2.12 9.01 -14.54
N LEU A 96 -2.48 9.32 -15.78
CA LEU A 96 -3.42 8.51 -16.56
C LEU A 96 -2.64 8.09 -17.79
N SER A 97 -2.19 6.84 -17.84
CA SER A 97 -1.35 6.43 -18.96
C SER A 97 -1.21 4.92 -19.06
N HIS A 98 -0.35 4.46 -19.96
CA HIS A 98 0.07 3.07 -19.92
C HIS A 98 1.17 2.91 -18.89
N GLY A 99 1.43 1.66 -18.53
CA GLY A 99 2.49 1.35 -17.57
C GLY A 99 2.79 -0.14 -17.57
N GLU A 100 3.85 -0.49 -16.85
CA GLU A 100 4.27 -1.86 -16.65
C GLU A 100 5.28 -1.80 -15.52
N GLY A 101 5.51 -2.92 -14.84
CA GLY A 101 6.44 -2.89 -13.72
C GLY A 101 6.17 -1.72 -12.79
N ASN A 102 7.19 -0.91 -12.52
CA ASN A 102 7.06 0.24 -11.62
C ASN A 102 7.15 1.58 -12.36
N HIS A 103 6.71 1.58 -13.61
CA HIS A 103 6.84 2.78 -14.44
C HIS A 103 5.54 3.13 -15.16
N ILE A 104 5.42 4.40 -15.54
CA ILE A 104 4.33 4.82 -16.41
C ILE A 104 4.96 5.38 -17.69
N TYR A 105 4.16 5.55 -18.73
CA TYR A 105 4.67 6.15 -19.94
C TYR A 105 4.34 7.62 -20.08
N ALA A 106 5.35 8.41 -20.45
CA ALA A 106 5.08 9.72 -21.00
C ALA A 106 4.88 9.47 -22.49
N TYR A 107 4.77 10.53 -23.28
CA TYR A 107 4.53 10.37 -24.72
C TYR A 107 5.59 9.50 -25.39
N ASP A 108 6.84 9.68 -24.98
CA ASP A 108 7.98 9.17 -25.73
C ASP A 108 8.85 8.15 -25.02
N ALA A 109 8.61 7.95 -23.73
CA ALA A 109 9.44 7.08 -22.92
C ALA A 109 8.80 6.77 -21.58
N LYS A 110 9.26 5.69 -20.95
CA LYS A 110 8.80 5.38 -19.61
C LYS A 110 9.53 6.21 -18.56
N ILE A 111 8.85 6.41 -17.44
CA ILE A 111 9.41 7.09 -16.28
C ILE A 111 9.12 6.23 -15.06
N GLU A 112 10.13 5.97 -14.24
CA GLU A 112 9.92 5.21 -13.02
C GLU A 112 9.16 6.08 -12.04
N ILE A 113 8.15 5.48 -11.41
CA ILE A 113 7.27 6.26 -10.56
C ILE A 113 8.05 6.87 -9.38
N GLN A 114 9.05 6.15 -8.89
CA GLN A 114 9.86 6.65 -7.77
C GLN A 114 10.62 7.93 -8.14
N THR A 115 10.93 8.08 -9.43
CA THR A 115 11.62 9.28 -9.88
C THR A 115 10.75 10.52 -9.62
N LEU A 116 9.46 10.35 -9.77
CA LEU A 116 8.51 11.45 -9.57
C LEU A 116 8.20 11.68 -8.10
N THR A 117 7.98 10.61 -7.34
CA THR A 117 7.60 10.79 -5.95
C THR A 117 8.77 11.33 -5.14
N GLY A 118 9.98 10.91 -5.50
CA GLY A 118 11.17 11.30 -4.77
C GLY A 118 11.33 12.81 -4.63
N LEU A 119 10.82 13.54 -5.61
CA LEU A 119 10.97 15.00 -5.62
C LEU A 119 10.16 15.66 -4.50
N PHE A 120 9.25 14.91 -3.89
CA PHE A 120 8.36 15.45 -2.88
C PHE A 120 8.68 14.93 -1.47
N LYS A 121 9.73 14.12 -1.36
CA LYS A 121 10.15 13.68 -0.04
C LYS A 121 10.53 14.91 0.81
N GLY A 122 10.51 14.73 2.14
CA GLY A 122 10.57 15.86 3.05
C GLY A 122 11.80 16.75 2.88
N ASP A 123 12.94 16.13 2.57
CA ASP A 123 14.18 16.88 2.43
C ASP A 123 14.24 17.62 1.09
N LYS A 124 13.48 17.13 0.10
CA LYS A 124 13.39 17.76 -1.21
C LYS A 124 12.29 18.84 -1.30
N CYS A 125 11.28 18.76 -0.44
CA CYS A 125 10.15 19.67 -0.54
C CYS A 125 9.70 20.02 0.87
N HIS A 126 10.40 20.98 1.49
CA HIS A 126 10.18 21.29 2.89
C HIS A 126 8.75 21.73 3.17
N SER A 127 8.13 22.41 2.21
CA SER A 127 6.84 23.04 2.43
C SER A 127 5.69 22.04 2.42
N LEU A 128 5.96 20.81 2.03
CA LEU A 128 4.96 19.74 2.18
C LEU A 128 5.27 18.80 3.35
N VAL A 129 6.30 19.11 4.14
CA VAL A 129 6.59 18.25 5.29
C VAL A 129 5.42 18.29 6.26
N GLY A 130 4.95 17.11 6.67
CA GLY A 130 3.80 17.02 7.56
C GLY A 130 2.47 17.03 6.82
N LYS A 131 2.52 17.14 5.49
CA LYS A 131 1.28 17.24 4.69
C LYS A 131 1.12 16.05 3.75
N PRO A 132 -0.13 15.64 3.53
CA PRO A 132 -0.39 14.49 2.66
C PRO A 132 0.09 14.76 1.23
N LYS A 133 0.81 13.78 0.70
CA LYS A 133 1.30 13.81 -0.68
C LYS A 133 0.67 12.61 -1.37
N ILE A 134 -0.32 12.89 -2.22
CA ILE A 134 -1.21 11.87 -2.76
C ILE A 134 -0.98 11.68 -4.25
N PHE A 135 -0.61 10.46 -4.64
CA PHE A 135 -0.38 10.10 -6.03
C PHE A 135 -1.42 9.08 -6.45
N ILE A 136 -2.03 9.31 -7.61
CA ILE A 136 -3.09 8.42 -8.09
C ILE A 136 -2.68 7.98 -9.49
N ILE A 137 -2.63 6.67 -9.70
CA ILE A 137 -2.09 6.14 -10.95
C ILE A 137 -3.06 5.18 -11.63
N GLN A 138 -3.61 5.61 -12.75
CA GLN A 138 -4.41 4.74 -13.61
C GLN A 138 -3.50 4.34 -14.76
N ALA A 139 -3.10 3.06 -14.74
CA ALA A 139 -2.15 2.51 -15.72
C ALA A 139 -2.06 1.01 -15.47
N CYS A 140 -1.74 0.24 -16.50
CA CYS A 140 -1.43 -1.17 -16.30
C CYS A 140 -0.15 -1.30 -15.49
N ARG A 141 0.05 -2.46 -14.87
CA ARG A 141 1.20 -2.63 -13.99
C ARG A 141 1.94 -3.94 -14.28
N GLY A 142 1.55 -4.58 -15.36
CA GLY A 142 2.14 -5.85 -15.76
C GLY A 142 1.19 -6.55 -16.70
N ASN A 143 1.48 -7.82 -17.00
CA ASN A 143 0.71 -8.54 -18.01
C ASN A 143 -0.17 -9.68 -17.49
N GLN A 144 -0.41 -9.69 -16.18
CA GLN A 144 -1.35 -10.65 -15.62
CA GLN A 144 -1.35 -10.64 -15.61
C GLN A 144 -2.76 -10.07 -15.68
N HIS A 145 -3.73 -10.90 -16.05
CA HIS A 145 -5.13 -10.48 -16.13
C HIS A 145 -5.86 -11.21 -15.02
N ASP A 146 -6.28 -10.49 -13.98
CA ASP A 146 -6.85 -11.12 -12.79
C ASP A 146 -8.12 -11.91 -13.13
N VAL A 147 -8.26 -13.08 -12.52
CA VAL A 147 -9.38 -13.96 -12.84
C VAL A 147 -10.45 -13.82 -11.78
N PRO A 148 -11.71 -14.14 -12.14
CA PRO A 148 -12.75 -14.08 -11.11
C PRO A 148 -12.82 -15.35 -10.27
N VAL A 149 -13.10 -15.16 -8.99
CA VAL A 149 -13.34 -16.25 -8.08
C VAL A 149 -14.63 -15.97 -7.31
N ILE A 150 -15.14 -16.99 -6.62
CA ILE A 150 -16.30 -16.79 -5.74
C ILE A 150 -15.97 -17.33 -4.35
N PRO A 151 -16.64 -16.77 -3.32
CA PRO A 151 -16.48 -17.21 -1.94
C PRO A 151 -17.07 -18.60 -1.73
N LEU A 152 -16.61 -19.27 -0.68
CA LEU A 152 -17.13 -20.56 -0.22
C LEU A 152 -16.45 -21.74 -0.93
N VAL A 174 7.93 17.04 21.38
CA VAL A 174 7.87 17.09 19.93
C VAL A 174 8.84 16.10 19.30
N TYR A 175 8.66 15.85 18.00
CA TYR A 175 9.45 14.85 17.28
C TYR A 175 9.81 15.35 15.87
N THR A 176 10.88 14.80 15.31
CA THR A 176 11.17 15.00 13.89
C THR A 176 10.34 13.99 13.09
N LEU A 177 10.31 14.16 11.77
CA LEU A 177 9.54 13.28 10.88
C LEU A 177 10.45 12.59 9.88
N PRO A 178 10.11 11.34 9.50
CA PRO A 178 10.86 10.75 8.40
C PRO A 178 10.60 11.50 7.10
N ALA A 179 11.63 11.67 6.29
CA ALA A 179 11.46 12.31 4.99
C ALA A 179 10.54 11.51 4.05
N GLY A 180 10.32 10.23 4.34
CA GLY A 180 9.48 9.40 3.50
C GLY A 180 8.01 9.40 3.90
N ALA A 181 7.69 10.09 5.00
CA ALA A 181 6.35 10.00 5.59
C ALA A 181 5.28 10.81 4.86
N ASP A 182 4.03 10.43 5.12
CA ASP A 182 2.85 11.14 4.69
C ASP A 182 2.58 11.07 3.19
N PHE A 183 3.09 10.03 2.53
CA PHE A 183 2.70 9.71 1.16
C PHE A 183 1.52 8.76 1.14
N LEU A 184 0.66 8.91 0.15
CA LEU A 184 -0.41 7.95 -0.11
C LEU A 184 -0.40 7.65 -1.61
N MET A 185 -0.11 6.39 -1.94
CA MET A 185 0.04 5.97 -3.33
C MET A 185 -1.19 5.16 -3.72
N CYS A 186 -1.97 5.68 -4.67
CA CYS A 186 -3.27 5.08 -4.97
C CYS A 186 -3.21 4.53 -6.37
N TYR A 187 -3.16 3.20 -6.48
CA TYR A 187 -3.07 2.56 -7.79
C TYR A 187 -4.41 1.96 -8.18
N SER A 188 -4.68 2.02 -9.47
CA SER A 188 -5.92 1.49 -10.03
C SER A 188 -5.99 -0.02 -9.93
N VAL A 189 -4.83 -0.66 -9.80
CA VAL A 189 -4.79 -2.12 -9.73
C VAL A 189 -3.59 -2.57 -8.94
N ALA A 190 -3.69 -3.77 -8.40
CA ALA A 190 -2.61 -4.39 -7.67
C ALA A 190 -1.39 -4.64 -8.55
N GLU A 191 -0.25 -4.89 -7.92
CA GLU A 191 0.98 -5.07 -8.66
C GLU A 191 0.88 -6.19 -9.70
N GLY A 192 1.42 -5.94 -10.89
CA GLY A 192 1.59 -6.98 -11.90
C GLY A 192 0.44 -7.16 -12.87
N TYR A 193 -0.64 -6.41 -12.69
CA TYR A 193 -1.89 -6.67 -13.42
C TYR A 193 -2.26 -5.64 -14.46
N TYR A 194 -3.09 -6.09 -15.41
CA TYR A 194 -3.79 -5.20 -16.32
C TYR A 194 -4.81 -4.37 -15.55
N SER A 195 -5.02 -3.15 -16.02
CA SER A 195 -6.08 -2.28 -15.52
C SER A 195 -7.02 -2.00 -16.71
N HIS A 196 -8.29 -1.74 -16.43
CA HIS A 196 -9.30 -1.63 -17.50
C HIS A 196 -9.83 -0.21 -17.72
N ARG A 197 -10.12 0.11 -18.97
CA ARG A 197 -10.61 1.44 -19.35
C ARG A 197 -11.75 1.29 -20.36
N GLU A 198 -12.88 1.91 -20.05
CA GLU A 198 -13.98 1.98 -21.01
C GLU A 198 -13.74 3.13 -21.99
N THR A 199 -14.00 2.89 -23.27
CA THR A 199 -13.60 3.86 -24.29
C THR A 199 -14.38 5.17 -24.26
N VAL A 200 -15.60 5.15 -23.74
CA VAL A 200 -16.33 6.40 -23.56
C VAL A 200 -16.40 6.86 -22.10
N ASN A 201 -16.73 5.95 -21.18
CA ASN A 201 -16.93 6.30 -19.79
C ASN A 201 -15.64 6.58 -19.01
N GLY A 202 -14.52 6.08 -19.51
CA GLY A 202 -13.25 6.22 -18.80
C GLY A 202 -12.85 4.95 -18.06
N SER A 203 -11.79 5.00 -17.27
CA SER A 203 -11.34 3.80 -16.59
C SER A 203 -12.29 3.35 -15.50
N TRP A 204 -12.30 2.04 -15.21
CA TRP A 204 -13.07 1.51 -14.09
C TRP A 204 -12.73 2.28 -12.81
N TYR A 205 -11.45 2.35 -12.52
CA TYR A 205 -10.98 2.91 -11.26
C TYR A 205 -11.30 4.41 -11.13
N ILE A 206 -11.01 5.19 -12.16
CA ILE A 206 -11.28 6.61 -12.05
C ILE A 206 -12.79 6.88 -11.98
N GLN A 207 -13.60 6.10 -12.69
CA GLN A 207 -15.05 6.28 -12.57
C GLN A 207 -15.49 6.06 -11.12
N ASP A 208 -15.03 4.96 -10.54
CA ASP A 208 -15.49 4.61 -9.20
C ASP A 208 -14.91 5.55 -8.14
N LEU A 209 -13.64 5.90 -8.28
CA LEU A 209 -13.05 6.93 -7.43
C LEU A 209 -13.84 8.24 -7.49
N CYS A 210 -14.16 8.69 -8.69
CA CYS A 210 -14.88 9.95 -8.84
C CYS A 210 -16.30 9.85 -8.30
N GLU A 211 -16.95 8.70 -8.46
CA GLU A 211 -18.29 8.55 -7.89
C GLU A 211 -18.23 8.68 -6.38
N MET A 212 -17.24 8.04 -5.76
CA MET A 212 -17.10 8.11 -4.32
C MET A 212 -16.70 9.51 -3.87
N LEU A 213 -15.85 10.18 -4.65
CA LEU A 213 -15.44 11.55 -4.28
C LEU A 213 -16.66 12.47 -4.33
N GLY A 214 -17.53 12.22 -5.30
CA GLY A 214 -18.71 13.06 -5.47
C GLY A 214 -19.69 12.92 -4.32
N LYS A 215 -19.88 11.70 -3.84
CA LYS A 215 -20.85 11.48 -2.78
CA LYS A 215 -20.85 11.44 -2.77
C LYS A 215 -20.26 11.67 -1.39
N TYR A 216 -19.05 11.13 -1.19
CA TYR A 216 -18.46 11.03 0.14
C TYR A 216 -17.18 11.83 0.34
N GLY A 217 -16.67 12.45 -0.71
CA GLY A 217 -15.36 13.06 -0.65
C GLY A 217 -15.18 14.11 0.43
N SER A 218 -16.25 14.82 0.77
CA SER A 218 -16.12 15.92 1.74
C SER A 218 -16.33 15.50 3.18
N SER A 219 -16.68 14.24 3.42
CA SER A 219 -16.92 13.79 4.80
C SER A 219 -16.04 12.60 5.21
N LEU A 220 -15.98 11.59 4.34
CA LEU A 220 -15.37 10.31 4.67
C LEU A 220 -13.85 10.39 4.71
N GLU A 221 -13.24 9.73 5.69
CA GLU A 221 -11.78 9.64 5.75
C GLU A 221 -11.29 9.04 4.41
N PHE A 222 -10.21 9.59 3.88
CA PHE A 222 -9.88 9.29 2.50
C PHE A 222 -9.47 7.84 2.24
N THR A 223 -8.80 7.21 3.22
CA THR A 223 -8.45 5.79 3.02
C THR A 223 -9.72 4.91 3.11
N GLU A 224 -10.67 5.30 3.93
CA GLU A 224 -11.96 4.61 3.93
C GLU A 224 -12.58 4.74 2.55
N LEU A 225 -12.52 5.94 1.98
CA LEU A 225 -13.08 6.17 0.67
C LEU A 225 -12.39 5.29 -0.38
N LEU A 226 -11.06 5.23 -0.32
CA LEU A 226 -10.31 4.37 -1.24
C LEU A 226 -10.70 2.91 -1.06
N THR A 227 -11.08 2.52 0.15
CA THR A 227 -11.47 1.14 0.40
C THR A 227 -12.80 0.84 -0.31
N LEU A 228 -13.71 1.81 -0.26
CA LEU A 228 -14.97 1.68 -0.97
C LEU A 228 -14.71 1.55 -2.46
N VAL A 229 -13.72 2.30 -2.96
CA VAL A 229 -13.33 2.21 -4.35
C VAL A 229 -12.78 0.81 -4.66
N ASN A 230 -12.00 0.24 -3.75
CA ASN A 230 -11.56 -1.15 -3.93
C ASN A 230 -12.76 -2.06 -4.11
N ARG A 231 -13.79 -1.87 -3.29
CA ARG A 231 -14.96 -2.74 -3.40
C ARG A 231 -15.71 -2.53 -4.71
N LYS A 232 -15.92 -1.27 -5.09
CA LYS A 232 -16.61 -0.95 -6.32
C LYS A 232 -15.90 -1.58 -7.53
N VAL A 233 -14.59 -1.35 -7.63
CA VAL A 233 -13.86 -1.85 -8.78
C VAL A 233 -13.88 -3.39 -8.80
N SER A 234 -13.80 -4.00 -7.63
CA SER A 234 -13.78 -5.46 -7.53
CA SER A 234 -13.77 -5.46 -7.56
C SER A 234 -15.09 -6.09 -8.00
N GLN A 235 -16.16 -5.30 -8.06
CA GLN A 235 -17.48 -5.78 -8.49
C GLN A 235 -17.60 -5.81 -10.01
N ARG A 236 -16.79 -5.01 -10.68
CA ARG A 236 -16.82 -4.95 -12.13
C ARG A 236 -16.19 -6.18 -12.76
N ARG A 237 -16.52 -6.41 -14.02
CA ARG A 237 -15.91 -7.50 -14.77
C ARG A 237 -15.91 -7.16 -16.25
N VAL A 238 -15.05 -7.81 -17.02
CA VAL A 238 -15.08 -7.60 -18.46
C VAL A 238 -16.32 -8.29 -19.02
N ASP A 239 -17.36 -7.52 -19.32
CA ASP A 239 -18.64 -8.12 -19.73
C ASP A 239 -18.64 -8.64 -21.16
N PHE A 240 -17.97 -7.92 -22.04
CA PHE A 240 -17.82 -8.33 -23.44
C PHE A 240 -16.37 -8.10 -23.88
N CYS A 241 -15.85 -8.98 -24.72
CA CYS A 241 -14.50 -8.83 -25.22
C CYS A 241 -14.30 -9.62 -26.50
N LYS A 242 -13.58 -9.03 -27.45
CA LYS A 242 -13.24 -9.71 -28.71
C LYS A 242 -12.47 -11.00 -28.45
N ASP A 243 -11.68 -11.00 -27.37
CA ASP A 243 -10.98 -12.19 -26.90
C ASP A 243 -11.83 -12.90 -25.85
N PRO A 244 -12.41 -14.05 -26.21
CA PRO A 244 -13.34 -14.71 -25.29
C PRO A 244 -12.68 -15.12 -23.97
N SER A 245 -11.37 -15.34 -23.99
CA SER A 245 -10.67 -15.75 -22.78
CA SER A 245 -10.67 -15.74 -22.78
C SER A 245 -10.61 -14.60 -21.77
N ALA A 246 -10.83 -13.38 -22.23
CA ALA A 246 -10.78 -12.21 -21.35
C ALA A 246 -12.13 -11.89 -20.72
N ILE A 247 -13.18 -12.55 -21.19
CA ILE A 247 -14.50 -12.28 -20.65
C ILE A 247 -14.56 -12.67 -19.18
N GLY A 248 -15.07 -11.75 -18.36
CA GLY A 248 -15.25 -11.97 -16.93
C GLY A 248 -14.04 -11.68 -16.08
N LYS A 249 -12.94 -11.26 -16.72
CA LYS A 249 -11.71 -10.89 -15.98
C LYS A 249 -11.95 -9.69 -15.07
N LYS A 250 -11.04 -9.49 -14.13
CA LYS A 250 -11.27 -8.62 -12.99
C LYS A 250 -10.09 -7.69 -12.68
N GLN A 251 -10.26 -6.91 -11.61
CA GLN A 251 -9.26 -5.93 -11.22
C GLN A 251 -9.56 -5.52 -9.79
N VAL A 252 -8.55 -5.57 -8.93
CA VAL A 252 -8.67 -4.96 -7.61
C VAL A 252 -7.62 -3.84 -7.50
N PRO A 253 -8.05 -2.65 -7.07
CA PRO A 253 -7.07 -1.56 -6.86
C PRO A 253 -6.27 -1.80 -5.60
N CYS A 254 -5.31 -0.91 -5.34
CA CYS A 254 -4.38 -1.12 -4.24
C CYS A 254 -3.83 0.24 -3.86
N PHE A 255 -3.98 0.62 -2.60
CA PHE A 255 -3.38 1.86 -2.13
C PHE A 255 -2.39 1.58 -1.01
N ALA A 256 -1.30 2.36 -1.00
CA ALA A 256 -0.26 2.22 0.02
C ALA A 256 -0.23 3.50 0.84
N SER A 257 -0.41 3.34 2.15
CA SER A 257 -0.40 4.47 3.06
C SER A 257 0.85 4.56 3.92
N MET A 258 1.49 5.72 3.85
CA MET A 258 2.52 6.12 4.79
C MET A 258 1.98 7.33 5.55
N LEU A 259 0.66 7.49 5.55
CA LEU A 259 0.02 8.55 6.31
C LEU A 259 0.13 8.26 7.80
N THR A 260 0.08 9.32 8.59
CA THR A 260 0.27 9.17 10.03
C THR A 260 -0.94 9.67 10.82
N LYS A 261 -1.93 10.21 10.10
CA LYS A 261 -3.14 10.75 10.72
C LYS A 261 -4.32 10.47 9.82
N LYS A 262 -5.52 10.75 10.31
CA LYS A 262 -6.73 10.63 9.48
C LYS A 262 -6.78 11.80 8.51
N LEU A 263 -7.22 11.53 7.29
CA LEU A 263 -7.22 12.53 6.24
C LEU A 263 -8.64 12.83 5.77
N HIS A 264 -9.08 14.08 5.92
CA HIS A 264 -10.41 14.48 5.43
C HIS A 264 -10.34 15.70 4.54
N PHE A 265 -11.34 15.86 3.68
CA PHE A 265 -11.47 17.03 2.83
C PHE A 265 -12.76 17.79 3.14
N PHE A 266 -12.89 18.24 4.39
CA PHE A 266 -14.08 19.00 4.79
C PHE A 266 -14.07 20.30 4.02
N PRO A 267 -15.25 20.80 3.65
CA PRO A 267 -15.29 22.04 2.88
C PRO A 267 -14.51 23.12 3.62
N LYS A 268 -13.74 23.88 2.88
CA LYS A 268 -12.91 24.89 3.51
C LYS A 268 -13.71 26.14 3.82
N SER A 269 -13.31 26.87 4.86
CA SER A 269 -14.05 28.04 5.31
C SER A 269 -14.06 29.16 4.27
C ACE B 1 -15.05 -1.22 -23.97
O ACE B 1 -14.97 -0.09 -23.57
CH3 ACE B 1 -16.23 -1.32 -24.89
N VAL B 2 -14.42 -2.37 -23.55
CA VAL B 2 -13.42 -2.31 -22.50
C VAL B 2 -12.05 -2.55 -23.10
N GLU B 3 -11.10 -1.70 -22.76
CA GLU B 3 -9.74 -1.81 -23.27
C GLU B 3 -8.74 -1.99 -22.15
N ILE B 4 -7.56 -2.49 -22.50
CA ILE B 4 -6.52 -2.77 -21.52
C ILE B 4 -5.50 -1.65 -21.46
N ASA B 5 -5.18 -1.18 -20.26
CA ASA B 5 -4.23 -0.07 -20.10
C ASA B 5 -2.75 -0.47 -20.05
O ASA B 5 -1.89 0.27 -19.53
CB ASA B 5 -4.59 0.80 -18.90
CG ASA B 5 -5.23 2.09 -19.31
OD1 ASA B 5 -5.23 2.40 -20.52
OD2 ASA B 5 -5.76 2.81 -18.44
N PHE C 8 -25.46 -0.17 -1.63
CA PHE C 8 -24.04 -0.03 -1.31
C PHE C 8 -23.86 0.59 0.08
N ASP C 9 -23.26 -0.18 0.98
CA ASP C 9 -23.10 0.25 2.37
C ASP C 9 -21.66 0.70 2.65
N PRO C 10 -21.47 2.02 2.81
CA PRO C 10 -20.14 2.59 3.07
C PRO C 10 -19.54 2.11 4.40
N ALA C 11 -20.31 1.41 5.21
CA ALA C 11 -19.82 0.96 6.50
C ALA C 11 -19.64 -0.56 6.55
N GLU C 12 -19.75 -1.20 5.39
CA GLU C 12 -19.67 -2.66 5.35
C GLU C 12 -18.37 -3.20 5.94
N LYS C 13 -18.51 -4.21 6.79
CA LYS C 13 -17.40 -4.86 7.48
C LYS C 13 -17.30 -6.30 6.98
N TYR C 14 -16.08 -6.85 6.96
CA TYR C 14 -15.90 -8.28 6.74
C TYR C 14 -16.65 -9.04 7.81
N LYS C 15 -17.22 -10.18 7.45
CA LYS C 15 -17.85 -11.06 8.43
C LYS C 15 -16.79 -11.77 9.26
N MET C 16 -16.73 -11.46 10.54
CA MET C 16 -15.72 -12.05 11.41
C MET C 16 -16.38 -12.92 12.47
N ASP C 17 -17.38 -13.70 12.05
CA ASP C 17 -18.16 -14.52 12.96
C ASP C 17 -18.05 -16.00 12.65
N HIS C 18 -16.92 -16.41 12.09
CA HIS C 18 -16.65 -17.82 11.87
C HIS C 18 -16.28 -18.50 13.18
N ARG C 19 -16.21 -19.83 13.16
CA ARG C 19 -15.90 -20.59 14.37
C ARG C 19 -14.54 -20.21 14.93
N ARG C 20 -13.60 -19.91 14.03
CA ARG C 20 -12.23 -19.59 14.43
C ARG C 20 -11.83 -18.23 13.87
N ARG C 21 -10.96 -17.52 14.59
CA ARG C 21 -10.35 -16.32 14.01
C ARG C 21 -9.51 -16.69 12.80
N GLY C 22 -8.69 -17.72 12.97
CA GLY C 22 -7.75 -18.11 11.93
C GLY C 22 -6.33 -18.30 12.43
N ILE C 23 -5.47 -18.73 11.52
CA ILE C 23 -4.06 -18.99 11.82
C ILE C 23 -3.24 -17.72 11.64
N ALA C 24 -2.28 -17.52 12.54
CA ALA C 24 -1.25 -16.51 12.35
C ALA C 24 0.09 -17.22 12.36
N LEU C 25 0.80 -17.17 11.23
CA LEU C 25 2.13 -17.76 11.13
C LEU C 25 3.18 -16.71 11.39
N ILE C 26 4.24 -17.11 12.09
CA ILE C 26 5.35 -16.20 12.35
C ILE C 26 6.63 -16.90 11.94
N PHE C 27 7.30 -16.35 10.92
CA PHE C 27 8.59 -16.84 10.52
C PHE C 27 9.65 -15.94 11.12
N ASN C 28 10.40 -16.50 12.06
CA ASN C 28 11.32 -15.74 12.89
C ASN C 28 12.76 -16.13 12.60
N HIS C 29 13.53 -15.17 12.06
CA HIS C 29 14.89 -15.42 11.60
C HIS C 29 15.91 -14.61 12.37
N GLU C 30 16.74 -15.30 13.16
CA GLU C 30 17.73 -14.65 14.02
C GLU C 30 19.14 -14.73 13.45
N ARG C 31 19.47 -15.84 12.81
CA ARG C 31 20.82 -16.07 12.27
C ARG C 31 20.73 -16.56 10.84
N PHE C 32 21.82 -16.44 10.09
CA PHE C 32 21.79 -16.78 8.68
C PHE C 32 23.01 -17.59 8.28
N PHE C 33 22.85 -18.38 7.22
CA PHE C 33 23.98 -19.14 6.70
C PHE C 33 25.17 -18.21 6.60
N TRP C 34 26.33 -18.72 7.04
CA TRP C 34 27.49 -17.86 7.23
C TRP C 34 27.81 -17.10 5.95
N HIS C 35 27.64 -17.75 4.81
CA HIS C 35 28.10 -17.13 3.57
C HIS C 35 27.20 -16.00 3.05
N LEU C 36 26.03 -15.83 3.65
CA LEU C 36 25.18 -14.69 3.27
C LEU C 36 25.73 -13.41 3.89
N THR C 37 26.66 -13.55 4.82
CA THR C 37 27.29 -12.41 5.46
C THR C 37 26.25 -11.45 6.04
N LEU C 38 25.25 -12.01 6.71
CA LEU C 38 24.21 -11.20 7.35
C LEU C 38 24.39 -11.23 8.86
N PRO C 39 24.26 -10.07 9.51
CA PRO C 39 24.43 -10.05 10.97
C PRO C 39 23.23 -10.70 11.67
N GLU C 40 23.50 -11.26 12.85
CA GLU C 40 22.44 -11.80 13.69
C GLU C 40 21.44 -10.71 14.02
N ARG C 41 20.19 -11.11 14.27
CA ARG C 41 19.14 -10.16 14.53
C ARG C 41 18.68 -10.25 16.00
N ARG C 42 19.55 -9.85 16.92
CA ARG C 42 19.17 -9.87 18.32
C ARG C 42 17.93 -9.01 18.53
N GLY C 43 17.05 -9.48 19.41
CA GLY C 43 15.78 -8.81 19.66
C GLY C 43 14.63 -9.41 18.88
N THR C 44 14.91 -10.27 17.91
CA THR C 44 13.85 -10.82 17.08
C THR C 44 12.96 -11.81 17.82
N CYS C 45 13.51 -12.60 18.74
CA CYS C 45 12.65 -13.50 19.51
C CYS C 45 11.73 -12.71 20.45
N ALA C 46 12.15 -11.51 20.84
CA ALA C 46 11.26 -10.61 21.56
C ALA C 46 10.06 -10.21 20.71
N ASP C 47 10.30 -9.85 19.46
CA ASP C 47 9.21 -9.58 18.53
C ASP C 47 8.28 -10.77 18.42
N ARG C 48 8.86 -11.96 18.23
CA ARG C 48 8.08 -13.18 18.07
C ARG C 48 7.15 -13.39 19.25
N ASP C 49 7.69 -13.30 20.47
CA ASP C 49 6.89 -13.54 21.66
C ASP C 49 5.80 -12.46 21.84
N ASN C 50 6.14 -11.22 21.52
CA ASN C 50 5.22 -10.08 21.63
C ASN C 50 4.03 -10.27 20.70
N LEU C 51 4.32 -10.59 19.43
CA LEU C 51 3.28 -10.84 18.45
C LEU C 51 2.42 -12.03 18.85
N THR C 52 3.08 -13.09 19.33
CA THR C 52 2.36 -14.30 19.74
C THR C 52 1.30 -13.94 20.78
N ARG C 53 1.71 -13.17 21.79
CA ARG C 53 0.76 -12.73 22.82
C ARG C 53 -0.38 -11.88 22.25
N ARG C 54 -0.05 -10.85 21.47
CA ARG C 54 -1.10 -9.97 20.96
C ARG C 54 -2.06 -10.67 20.00
N PHE C 55 -1.54 -11.50 19.11
CA PHE C 55 -2.42 -12.17 18.16
C PHE C 55 -3.22 -13.29 18.85
N SER C 56 -2.60 -13.96 19.83
CA SER C 56 -3.35 -14.96 20.59
C SER C 56 -4.52 -14.29 21.28
N ASP C 57 -4.28 -13.09 21.82
CA ASP C 57 -5.34 -12.35 22.52
C ASP C 57 -6.50 -11.98 21.60
N LEU C 58 -6.21 -11.82 20.31
CA LEU C 58 -7.23 -11.51 19.32
C LEU C 58 -7.89 -12.75 18.74
N GLY C 59 -7.52 -13.92 19.26
CA GLY C 59 -8.18 -15.15 18.89
C GLY C 59 -7.44 -16.03 17.90
N PHE C 60 -6.31 -15.55 17.40
CA PHE C 60 -5.56 -16.32 16.42
C PHE C 60 -4.93 -17.56 17.01
N GLU C 61 -4.80 -18.57 16.18
CA GLU C 61 -4.00 -19.75 16.48
C GLU C 61 -2.60 -19.46 15.94
N VAL C 62 -1.68 -19.12 16.84
CA VAL C 62 -0.35 -18.72 16.42
C VAL C 62 0.61 -19.90 16.29
N LYS C 63 1.29 -19.97 15.16
CA LYS C 63 2.30 -20.99 14.88
C LYS C 63 3.61 -20.33 14.46
N CYS C 64 4.70 -20.68 15.16
CA CYS C 64 6.00 -20.08 14.90
C CYS C 64 6.98 -21.06 14.30
N PHE C 65 7.82 -20.55 13.41
CA PHE C 65 8.91 -21.32 12.83
C PHE C 65 10.16 -20.47 12.85
N ASN C 66 11.23 -21.07 13.35
CA ASN C 66 12.46 -20.34 13.61
C ASN C 66 13.61 -20.77 12.70
N ASP C 67 14.14 -19.80 11.95
CA ASP C 67 15.31 -20.01 11.11
C ASP C 67 15.14 -21.11 10.06
N LEU C 68 13.95 -21.22 9.50
CA LEU C 68 13.74 -22.19 8.44
C LEU C 68 14.60 -21.83 7.22
N LYS C 69 15.10 -22.86 6.55
CA LYS C 69 15.72 -22.69 5.24
C LYS C 69 14.62 -22.44 4.22
N ALA C 70 14.98 -21.91 3.05
CA ALA C 70 14.00 -21.49 2.06
C ALA C 70 13.07 -22.64 1.65
N GLU C 71 13.65 -23.80 1.33
CA GLU C 71 12.87 -24.97 0.92
C GLU C 71 11.83 -25.35 1.99
N GLU C 72 12.27 -25.34 3.25
CA GLU C 72 11.41 -25.68 4.38
CA GLU C 72 11.39 -25.71 4.34
C GLU C 72 10.31 -24.65 4.56
N LEU C 73 10.69 -23.38 4.45
CA LEU C 73 9.73 -22.29 4.60
C LEU C 73 8.65 -22.40 3.52
N LEU C 74 9.08 -22.55 2.27
CA LEU C 74 8.15 -22.71 1.16
C LEU C 74 7.21 -23.89 1.34
N LEU C 75 7.75 -24.99 1.85
CA LEU C 75 6.95 -26.18 2.10
C LEU C 75 5.86 -25.88 3.13
N LYS C 76 6.25 -25.22 4.21
CA LYS C 76 5.33 -24.89 5.29
C LYS C 76 4.23 -23.95 4.83
N ILE C 77 4.58 -22.94 4.04
CA ILE C 77 3.59 -21.97 3.56
CA ILE C 77 3.57 -21.99 3.59
C ILE C 77 2.64 -22.63 2.56
N HIS C 78 3.18 -23.49 1.69
CA HIS C 78 2.33 -24.23 0.77
CA HIS C 78 2.35 -24.26 0.77
C HIS C 78 1.34 -25.09 1.55
N GLU C 79 1.84 -25.78 2.57
CA GLU C 79 1.00 -26.60 3.43
CA GLU C 79 1.01 -26.60 3.44
C GLU C 79 -0.18 -25.80 3.97
N VAL C 80 0.11 -24.64 4.54
CA VAL C 80 -0.91 -23.80 5.15
C VAL C 80 -1.91 -23.28 4.11
N SER C 81 -1.43 -22.97 2.91
CA SER C 81 -2.31 -22.45 1.86
C SER C 81 -3.21 -23.56 1.33
N THR C 82 -2.85 -24.80 1.63
CA THR C 82 -3.57 -25.97 1.11
C THR C 82 -4.65 -26.46 2.07
N VAL C 83 -4.45 -26.28 3.37
CA VAL C 83 -5.44 -26.69 4.36
C VAL C 83 -6.65 -25.77 4.25
N SER C 84 -7.82 -26.27 4.62
CA SER C 84 -9.02 -25.45 4.53
C SER C 84 -9.06 -24.35 5.60
N HIS C 85 -9.41 -23.14 5.16
CA HIS C 85 -9.69 -22.04 6.07
C HIS C 85 -11.17 -21.71 6.08
N ALA C 86 -12.01 -22.69 5.72
CA ALA C 86 -13.43 -22.43 5.60
C ALA C 86 -14.04 -21.86 6.87
N ASP C 87 -13.61 -22.36 8.02
CA ASP C 87 -14.20 -21.95 9.29
C ASP C 87 -13.42 -20.84 9.98
N ALA C 88 -12.57 -20.14 9.22
CA ALA C 88 -11.77 -19.04 9.75
C ALA C 88 -12.24 -17.68 9.25
N ASP C 89 -12.00 -16.63 10.05
CA ASP C 89 -12.29 -15.25 9.65
C ASP C 89 -11.25 -14.73 8.66
N CYS C 90 -9.99 -15.11 8.87
CA CYS C 90 -8.88 -14.51 8.10
C CYS C 90 -7.60 -15.30 8.26
N PHE C 91 -6.53 -14.79 7.68
CA PHE C 91 -5.23 -15.44 7.77
C PHE C 91 -4.18 -14.36 7.95
N VAL C 92 -3.25 -14.59 8.88
CA VAL C 92 -2.15 -13.65 9.13
C VAL C 92 -0.82 -14.38 8.93
N CYS C 93 0.14 -13.71 8.29
CA CYS C 93 1.46 -14.29 8.08
C CYS C 93 2.53 -13.23 8.34
N VAL C 94 3.42 -13.52 9.29
CA VAL C 94 4.43 -12.55 9.69
C VAL C 94 5.83 -13.03 9.32
N PHE C 95 6.64 -12.15 8.77
CA PHE C 95 8.05 -12.44 8.55
C PHE C 95 8.91 -11.46 9.33
N LEU C 96 9.86 -11.99 10.10
CA LEU C 96 10.82 -11.19 10.86
C LEU C 96 12.20 -11.60 10.37
N SER C 97 12.85 -10.75 9.60
CA SER C 97 14.11 -11.15 8.99
C SER C 97 14.87 -9.98 8.38
N HIS C 98 15.99 -10.29 7.72
CA HIS C 98 16.61 -9.33 6.84
C HIS C 98 15.88 -9.34 5.51
N GLY C 99 16.09 -8.27 4.74
CA GLY C 99 15.53 -8.18 3.41
C GLY C 99 16.19 -7.07 2.62
N GLU C 100 15.84 -6.97 1.35
N GLU C 100 15.81 -6.96 1.35
CA GLU C 100 16.20 -5.85 0.50
CA GLU C 100 16.29 -5.94 0.44
C GLU C 100 15.42 -6.00 -0.78
C GLU C 100 15.41 -6.01 -0.79
N GLY C 101 15.28 -4.91 -1.53
CA GLY C 101 14.44 -4.94 -2.72
C GLY C 101 13.05 -5.46 -2.37
N ASN C 102 12.61 -6.50 -3.08
CA ASN C 102 11.29 -7.09 -2.82
C ASN C 102 11.37 -8.49 -2.23
N HIS C 103 12.44 -8.77 -1.50
CA HIS C 103 12.61 -10.09 -0.92
C HIS C 103 12.92 -10.06 0.57
N ILE C 104 12.70 -11.20 1.21
CA ILE C 104 13.16 -11.40 2.57
C ILE C 104 14.11 -12.58 2.56
N TYR C 105 14.87 -12.76 3.63
CA TYR C 105 15.79 -13.89 3.69
C TYR C 105 15.25 -15.02 4.55
N ALA C 106 15.32 -16.23 4.02
CA ALA C 106 15.22 -17.40 4.87
C ALA C 106 16.63 -17.63 5.40
N TYR C 107 16.85 -18.76 6.08
CA TYR C 107 18.17 -19.00 6.66
C TYR C 107 19.28 -18.96 5.61
N ASP C 108 19.00 -19.54 4.45
CA ASP C 108 20.04 -19.82 3.45
C ASP C 108 19.92 -19.06 2.13
N ALA C 109 18.76 -18.43 1.89
CA ALA C 109 18.51 -17.81 0.59
C ALA C 109 17.38 -16.79 0.68
N LYS C 110 17.38 -15.86 -0.27
CA LYS C 110 16.30 -14.89 -0.36
C LYS C 110 15.04 -15.51 -0.98
N ILE C 111 13.89 -14.97 -0.59
CA ILE C 111 12.65 -15.38 -1.21
C ILE C 111 11.93 -14.10 -1.60
N GLU C 112 11.47 -14.04 -2.84
CA GLU C 112 10.65 -12.90 -3.26
C GLU C 112 9.30 -12.95 -2.57
N ILE C 113 8.86 -11.82 -2.04
CA ILE C 113 7.64 -11.77 -1.26
C ILE C 113 6.43 -12.25 -2.09
N GLN C 114 6.43 -11.92 -3.38
CA GLN C 114 5.32 -12.30 -4.27
C GLN C 114 5.17 -13.82 -4.37
N THR C 115 6.27 -14.53 -4.18
CA THR C 115 6.22 -15.99 -4.21
C THR C 115 5.35 -16.51 -3.08
N LEU C 116 5.50 -15.88 -1.91
CA LEU C 116 4.73 -16.26 -0.73
C LEU C 116 3.26 -15.86 -0.86
N THR C 117 2.99 -14.61 -1.20
CA THR C 117 1.62 -14.14 -1.29
C THR C 117 0.80 -14.80 -2.40
N GLY C 118 1.45 -15.10 -3.53
CA GLY C 118 0.76 -15.73 -4.66
C GLY C 118 0.03 -17.00 -4.30
N LEU C 119 0.54 -17.73 -3.32
CA LEU C 119 -0.06 -19.00 -2.90
C LEU C 119 -1.44 -18.80 -2.27
N PHE C 120 -1.74 -17.56 -1.89
CA PHE C 120 -3.00 -17.27 -1.19
C PHE C 120 -4.03 -16.53 -2.05
N LYS C 121 -3.67 -16.24 -3.29
CA LYS C 121 -4.62 -15.63 -4.21
C LYS C 121 -5.84 -16.52 -4.36
N GLY C 122 -6.95 -15.95 -4.81
CA GLY C 122 -8.23 -16.60 -4.72
C GLY C 122 -8.31 -17.91 -5.48
N ASP C 123 -7.67 -17.98 -6.64
CA ASP C 123 -7.70 -19.19 -7.43
C ASP C 123 -6.85 -20.29 -6.81
N LYS C 124 -5.90 -19.92 -5.96
CA LYS C 124 -4.99 -20.90 -5.35
C LYS C 124 -5.45 -21.32 -3.96
N CYS C 125 -6.29 -20.51 -3.33
CA CYS C 125 -6.75 -20.80 -1.98
C CYS C 125 -8.20 -20.39 -1.91
N HIS C 126 -9.09 -21.30 -2.30
CA HIS C 126 -10.51 -20.96 -2.41
C HIS C 126 -11.13 -20.62 -1.07
N SER C 127 -10.67 -21.27 -0.01
CA SER C 127 -11.32 -21.11 1.29
C SER C 127 -10.97 -19.78 1.97
N LEU C 128 -10.06 -19.01 1.38
CA LEU C 128 -9.80 -17.66 1.87
C LEU C 128 -10.43 -16.59 0.95
N VAL C 129 -11.13 -17.02 -0.09
CA VAL C 129 -11.75 -16.05 -0.98
C VAL C 129 -12.74 -15.21 -0.20
N GLY C 130 -12.60 -13.90 -0.30
CA GLY C 130 -13.46 -12.97 0.41
C GLY C 130 -13.04 -12.71 1.85
N LYS C 131 -11.92 -13.30 2.25
CA LYS C 131 -11.38 -13.11 3.59
C LYS C 131 -10.05 -12.38 3.59
N PRO C 132 -9.81 -11.57 4.64
CA PRO C 132 -8.57 -10.80 4.72
C PRO C 132 -7.36 -11.73 4.80
N LYS C 133 -6.35 -11.42 3.99
CA LYS C 133 -5.10 -12.15 3.98
C LYS C 133 -4.04 -11.11 4.30
N ILE C 134 -3.52 -11.21 5.52
CA ILE C 134 -2.72 -10.13 6.09
C ILE C 134 -1.27 -10.57 6.27
N PHE C 135 -0.36 -9.86 5.60
CA PHE C 135 1.06 -10.14 5.65
C PHE C 135 1.76 -8.98 6.35
N ILE C 136 2.65 -9.32 7.28
CA ILE C 136 3.33 -8.32 8.07
C ILE C 136 4.82 -8.61 7.97
N ILE C 137 5.59 -7.62 7.55
CA ILE C 137 6.98 -7.87 7.21
C ILE C 137 7.89 -6.89 7.93
N GLN C 138 8.64 -7.41 8.89
CA GLN C 138 9.67 -6.62 9.57
C GLN C 138 10.98 -7.03 8.92
N ALA C 139 11.56 -6.13 8.13
CA ALA C 139 12.77 -6.42 7.36
C ALA C 139 13.21 -5.15 6.66
N CYS C 140 14.52 -5.02 6.41
CA CYS C 140 14.98 -3.92 5.58
C CYS C 140 14.48 -4.11 4.16
N ARG C 141 14.39 -3.01 3.41
CA ARG C 141 13.88 -3.05 2.04
C ARG C 141 14.79 -2.34 1.04
N GLY C 142 16.00 -2.01 1.47
CA GLY C 142 16.95 -1.35 0.59
C GLY C 142 18.03 -0.71 1.43
N ASN C 143 18.86 0.12 0.81
CA ASN C 143 20.00 0.68 1.51
C ASN C 143 19.91 2.19 1.80
N GLN C 144 18.71 2.74 1.71
CA GLN C 144 18.47 4.15 2.06
C GLN C 144 18.14 4.28 3.54
N HIS C 145 18.79 5.23 4.22
CA HIS C 145 18.50 5.49 5.62
C HIS C 145 17.73 6.81 5.70
N ASP C 146 16.44 6.75 6.03
CA ASP C 146 15.60 7.94 5.98
C ASP C 146 16.08 9.01 6.94
N VAL C 147 16.09 10.24 6.47
CA VAL C 147 16.58 11.36 7.27
C VAL C 147 15.42 12.07 7.96
N PRO C 148 15.71 12.74 9.08
CA PRO C 148 14.68 13.51 9.78
C PRO C 148 14.48 14.87 9.14
N VAL C 149 13.21 15.27 9.06
CA VAL C 149 12.85 16.61 8.65
C VAL C 149 11.89 17.18 9.69
N ILE C 150 11.64 18.49 9.60
CA ILE C 150 10.64 19.16 10.44
C ILE C 150 9.65 19.94 9.58
N PRO C 151 8.41 20.10 10.07
CA PRO C 151 7.47 20.94 9.31
C PRO C 151 7.88 22.42 9.36
N LEU C 152 7.41 23.20 8.42
CA LEU C 152 7.66 24.64 8.44
C LEU C 152 6.78 25.33 9.47
N TYR C 175 -21.80 -10.57 -7.29
CA TYR C 175 -20.62 -10.34 -8.13
C TYR C 175 -19.54 -11.39 -7.85
N THR C 176 -18.68 -11.61 -8.84
CA THR C 176 -17.45 -12.37 -8.64
C THR C 176 -16.42 -11.44 -8.01
N LEU C 177 -15.34 -12.02 -7.50
CA LEU C 177 -14.23 -11.26 -6.91
C LEU C 177 -12.94 -11.47 -7.69
N PRO C 178 -12.09 -10.44 -7.74
CA PRO C 178 -10.75 -10.64 -8.31
C PRO C 178 -9.96 -11.61 -7.44
N ALA C 179 -9.18 -12.49 -8.05
CA ALA C 179 -8.32 -13.39 -7.30
C ALA C 179 -7.26 -12.64 -6.51
N GLY C 180 -6.99 -11.39 -6.89
CA GLY C 180 -6.00 -10.61 -6.14
C GLY C 180 -6.54 -9.83 -4.96
N ALA C 181 -7.84 -9.92 -4.71
CA ALA C 181 -8.48 -9.06 -3.71
C ALA C 181 -8.25 -9.49 -2.26
N ASP C 182 -8.44 -8.54 -1.37
CA ASP C 182 -8.50 -8.79 0.07
C ASP C 182 -7.17 -9.14 0.71
N PHE C 183 -6.08 -8.71 0.08
CA PHE C 183 -4.78 -8.73 0.72
C PHE C 183 -4.50 -7.42 1.46
N LEU C 184 -3.78 -7.52 2.57
CA LEU C 184 -3.28 -6.34 3.27
C LEU C 184 -1.80 -6.60 3.56
N MET C 185 -0.93 -5.81 2.94
CA MET C 185 0.51 -5.97 3.09
C MET C 185 1.06 -4.89 4.01
N CYS C 186 1.54 -5.32 5.18
CA CYS C 186 1.95 -4.39 6.22
C CYS C 186 3.47 -4.43 6.36
N TYR C 187 4.14 -3.37 5.89
CA TYR C 187 5.60 -3.31 5.92
C TYR C 187 6.07 -2.40 7.03
N SER C 188 7.18 -2.79 7.66
CA SER C 188 7.75 -2.01 8.76
C SER C 188 8.30 -0.67 8.27
N VAL C 189 8.60 -0.59 6.99
CA VAL C 189 9.17 0.63 6.42
C VAL C 189 8.79 0.73 4.95
N ALA C 190 8.78 1.96 4.45
CA ALA C 190 8.53 2.26 3.06
C ALA C 190 9.61 1.62 2.17
N GLU C 191 9.29 1.55 0.88
CA GLU C 191 10.17 0.90 -0.06
C GLU C 191 11.56 1.53 -0.11
N GLY C 192 12.58 0.67 -0.15
CA GLY C 192 13.94 1.08 -0.38
C GLY C 192 14.76 1.42 0.86
N TYR C 193 14.13 1.36 2.03
CA TYR C 193 14.76 1.86 3.26
C TYR C 193 15.23 0.79 4.25
N TYR C 194 16.18 1.18 5.10
CA TYR C 194 16.50 0.43 6.29
C TYR C 194 15.33 0.48 7.27
N SER C 195 15.20 -0.59 8.04
CA SER C 195 14.25 -0.69 9.14
C SER C 195 15.08 -0.95 10.41
N HIS C 196 14.57 -0.52 11.56
CA HIS C 196 15.34 -0.53 12.81
C HIS C 196 14.87 -1.55 13.85
N ARG C 197 15.84 -2.12 14.56
CA ARG C 197 15.57 -3.14 15.55
C ARG C 197 16.41 -2.89 16.80
N GLU C 198 15.76 -2.82 17.95
CA GLU C 198 16.46 -2.70 19.23
C GLU C 198 16.86 -4.09 19.69
N THR C 199 18.09 -4.22 20.17
CA THR C 199 18.62 -5.56 20.47
C THR C 199 17.90 -6.24 21.62
N VAL C 200 17.30 -5.47 22.52
CA VAL C 200 16.54 -6.07 23.63
C VAL C 200 15.01 -5.98 23.43
N ASN C 201 14.50 -4.80 23.12
CA ASN C 201 13.06 -4.59 23.04
C ASN C 201 12.41 -5.15 21.76
N GLY C 202 13.20 -5.34 20.72
CA GLY C 202 12.69 -5.79 19.43
C GLY C 202 12.63 -4.64 18.43
N SER C 203 12.07 -4.89 17.26
CA SER C 203 12.03 -3.86 16.23
C SER C 203 11.11 -2.70 16.64
N TRP C 204 11.42 -1.50 16.15
CA TRP C 204 10.55 -0.35 16.32
C TRP C 204 9.12 -0.68 15.92
N TYR C 205 8.98 -1.22 14.70
CA TYR C 205 7.67 -1.45 14.12
C TYR C 205 6.87 -2.50 14.88
N ILE C 206 7.48 -3.63 15.20
CA ILE C 206 6.74 -4.65 15.94
C ILE C 206 6.39 -4.21 17.37
N GLN C 207 7.29 -3.48 18.03
CA GLN C 207 6.95 -2.94 19.34
C GLN C 207 5.71 -2.07 19.25
N ASP C 208 5.70 -1.15 18.28
CA ASP C 208 4.60 -0.19 18.19
C ASP C 208 3.33 -0.88 17.68
N LEU C 209 3.48 -1.80 16.74
CA LEU C 209 2.33 -2.59 16.30
C LEU C 209 1.71 -3.36 17.47
N CYS C 210 2.54 -4.01 18.27
CA CYS C 210 2.03 -4.76 19.40
C CYS C 210 1.38 -3.87 20.46
N GLU C 211 1.97 -2.71 20.71
CA GLU C 211 1.40 -1.79 21.67
C GLU C 211 0.02 -1.38 21.20
N MET C 212 -0.10 -1.08 19.91
CA MET C 212 -1.41 -0.68 19.37
C MET C 212 -2.40 -1.83 19.34
N LEU C 213 -1.94 -3.04 19.04
CA LEU C 213 -2.84 -4.20 19.12
C LEU C 213 -3.38 -4.37 20.53
N GLY C 214 -2.49 -4.22 21.53
CA GLY C 214 -2.87 -4.37 22.91
C GLY C 214 -3.94 -3.38 23.34
N LYS C 215 -3.81 -2.13 22.90
CA LYS C 215 -4.73 -1.09 23.32
C LYS C 215 -5.98 -1.05 22.46
N TYR C 216 -5.81 -1.21 21.14
CA TYR C 216 -6.87 -0.90 20.19
C TYR C 216 -7.27 -2.04 19.26
N GLY C 217 -6.55 -3.17 19.33
CA GLY C 217 -6.77 -4.25 18.40
C GLY C 217 -8.20 -4.76 18.36
N SER C 218 -8.82 -4.83 19.53
CA SER C 218 -10.16 -5.39 19.64
C SER C 218 -11.28 -4.37 19.40
N SER C 219 -10.90 -3.13 19.07
CA SER C 219 -11.91 -2.09 18.88
C SER C 219 -11.78 -1.33 17.55
N LEU C 220 -10.59 -0.83 17.24
CA LEU C 220 -10.43 0.02 16.06
C LEU C 220 -10.38 -0.76 14.75
N GLU C 221 -10.71 -0.09 13.65
CA GLU C 221 -10.59 -0.71 12.34
C GLU C 221 -9.10 -0.95 12.10
N PHE C 222 -8.74 -2.06 11.47
CA PHE C 222 -7.33 -2.45 11.44
C PHE C 222 -6.42 -1.48 10.67
N THR C 223 -6.89 -0.97 9.53
CA THR C 223 -6.06 0.00 8.80
C THR C 223 -5.96 1.32 9.58
N GLU C 224 -7.01 1.67 10.30
CA GLU C 224 -6.95 2.82 11.20
C GLU C 224 -5.85 2.58 12.26
N LEU C 225 -5.82 1.37 12.78
CA LEU C 225 -4.79 1.02 13.76
C LEU C 225 -3.38 1.08 13.14
N LEU C 226 -3.23 0.58 11.92
CA LEU C 226 -1.92 0.58 11.27
C LEU C 226 -1.44 2.01 11.04
N THR C 227 -2.39 2.92 10.80
CA THR C 227 -2.05 4.32 10.65
C THR C 227 -1.49 4.90 11.94
N LEU C 228 -2.06 4.49 13.07
CA LEU C 228 -1.51 4.88 14.36
C LEU C 228 -0.07 4.37 14.49
N VAL C 229 0.16 3.14 14.06
CA VAL C 229 1.49 2.57 14.05
C VAL C 229 2.44 3.42 13.20
N ASN C 230 1.99 3.82 12.02
CA ASN C 230 2.78 4.73 11.18
C ASN C 230 3.22 5.94 11.98
N ARG C 231 2.29 6.55 12.72
CA ARG C 231 2.63 7.74 13.49
C ARG C 231 3.62 7.41 14.62
N LYS C 232 3.36 6.31 15.34
CA LYS C 232 4.26 5.93 16.43
C LYS C 232 5.69 5.73 15.92
N VAL C 233 5.85 4.93 14.87
CA VAL C 233 7.18 4.63 14.35
C VAL C 233 7.86 5.89 13.82
N SER C 234 7.08 6.77 13.22
CA SER C 234 7.63 8.00 12.65
CA SER C 234 7.64 8.00 12.64
C SER C 234 8.16 8.96 13.72
N GLN C 235 7.72 8.78 14.97
CA GLN C 235 8.21 9.59 16.09
C GLN C 235 9.57 9.15 16.60
N ARG C 236 9.90 7.88 16.40
CA ARG C 236 11.18 7.35 16.85
C ARG C 236 12.36 7.87 16.03
N ARG C 237 13.54 7.84 16.63
CA ARG C 237 14.76 8.23 15.93
C ARG C 237 15.92 7.40 16.47
N VAL C 238 16.98 7.29 15.69
CA VAL C 238 18.19 6.62 16.18
C VAL C 238 18.84 7.54 17.22
N ASP C 239 18.65 7.21 18.49
CA ASP C 239 19.10 8.13 19.54
C ASP C 239 20.61 8.07 19.75
N PHE C 240 21.15 6.86 19.67
CA PHE C 240 22.59 6.65 19.79
C PHE C 240 23.06 5.69 18.72
N CYS C 241 24.28 5.89 18.21
CA CYS C 241 24.85 5.01 17.20
C CYS C 241 26.36 5.12 17.09
N LYS C 242 27.04 3.98 16.95
CA LYS C 242 28.48 3.96 16.71
C LYS C 242 28.85 4.83 15.51
N ASP C 243 27.96 4.84 14.52
CA ASP C 243 28.15 5.68 13.34
C ASP C 243 27.45 7.02 13.56
N PRO C 244 28.22 8.09 13.81
CA PRO C 244 27.62 9.41 14.08
C PRO C 244 26.70 9.88 12.96
N SER C 245 26.96 9.48 11.73
CA SER C 245 26.15 9.92 10.59
C SER C 245 24.73 9.35 10.65
N ALA C 246 24.54 8.27 11.41
CA ALA C 246 23.25 7.60 11.49
C ALA C 246 22.38 8.08 12.66
N ILE C 247 22.96 8.90 13.53
CA ILE C 247 22.20 9.45 14.66
C ILE C 247 21.05 10.31 14.14
N GLY C 248 19.85 10.06 14.66
CA GLY C 248 18.68 10.85 14.33
C GLY C 248 17.93 10.36 13.10
N LYS C 249 18.44 9.31 12.47
CA LYS C 249 17.77 8.72 11.30
C LYS C 249 16.41 8.14 11.67
N LYS C 250 15.59 7.92 10.65
CA LYS C 250 14.15 7.71 10.81
C LYS C 250 13.61 6.56 9.99
N GLN C 251 12.30 6.33 10.16
CA GLN C 251 11.60 5.22 9.54
C GLN C 251 10.12 5.52 9.53
N VAL C 252 9.49 5.41 8.35
CA VAL C 252 8.03 5.39 8.29
C VAL C 252 7.60 4.04 7.72
N PRO C 253 6.65 3.38 8.39
CA PRO C 253 6.10 2.13 7.85
C PRO C 253 5.18 2.41 6.68
N CYS C 254 4.68 1.35 6.05
CA CYS C 254 3.87 1.52 4.86
C CYS C 254 2.97 0.30 4.75
N PHE C 255 1.67 0.49 4.65
CA PHE C 255 0.78 -0.65 4.41
C PHE C 255 0.03 -0.46 3.09
N ALA C 256 -0.15 -1.56 2.37
CA ALA C 256 -0.88 -1.57 1.10
C ALA C 256 -2.16 -2.37 1.27
N SER C 257 -3.28 -1.72 1.00
CA SER C 257 -4.57 -2.36 1.13
C SER C 257 -5.22 -2.67 -0.20
N MET C 258 -5.57 -3.94 -0.36
CA MET C 258 -6.48 -4.41 -1.40
C MET C 258 -7.75 -4.89 -0.73
N LEU C 259 -7.95 -4.45 0.51
CA LEU C 259 -9.17 -4.78 1.24
C LEU C 259 -10.38 -4.08 0.61
N THR C 260 -11.55 -4.68 0.79
CA THR C 260 -12.79 -4.18 0.18
C THR C 260 -13.83 -3.77 1.23
N LYS C 261 -13.53 -4.01 2.49
CA LYS C 261 -14.45 -3.74 3.59
C LYS C 261 -13.69 -3.29 4.83
N LYS C 262 -14.42 -2.77 5.82
CA LYS C 262 -13.81 -2.48 7.12
C LYS C 262 -13.42 -3.78 7.82
N LEU C 263 -12.27 -3.77 8.47
CA LEU C 263 -11.77 -4.95 9.16
C LEU C 263 -11.65 -4.69 10.66
N HIS C 264 -12.39 -5.47 11.46
CA HIS C 264 -12.33 -5.36 12.92
C HIS C 264 -12.02 -6.72 13.52
N PHE C 265 -11.44 -6.69 14.72
CA PHE C 265 -11.19 -7.90 15.50
C PHE C 265 -11.89 -7.84 16.86
N PHE C 266 -13.20 -7.60 16.83
CA PHE C 266 -14.00 -7.61 18.04
C PHE C 266 -13.91 -8.98 18.70
N PRO C 267 -13.98 -9.00 20.05
CA PRO C 267 -13.84 -10.27 20.75
C PRO C 267 -14.80 -11.31 20.21
N LYS C 268 -14.30 -12.51 19.91
CA LYS C 268 -15.15 -13.58 19.41
C LYS C 268 -15.89 -14.25 20.56
C ACE D 1 20.31 -0.93 19.94
O ACE D 1 19.30 -1.53 20.06
CH3 ACE D 1 21.16 -0.56 21.14
N VAL D 2 20.60 0.18 18.84
CA VAL D 2 19.73 0.08 17.67
C VAL D 2 20.50 -0.53 16.52
N GLU D 3 19.90 -1.49 15.82
CA GLU D 3 20.57 -2.10 14.69
C GLU D 3 19.74 -2.02 13.42
N ILE D 4 20.41 -2.19 12.30
CA ILE D 4 19.77 -2.11 10.99
C ILE D 4 19.35 -3.49 10.48
N ASA D 5 18.13 -3.63 10.02
CA ASA D 5 17.67 -4.94 9.55
C ASA D 5 18.06 -5.30 8.10
O ASA D 5 17.32 -6.01 7.39
CB ASA D 5 16.17 -5.12 9.78
CG ASA D 5 15.90 -6.00 10.94
OD1 ASA D 5 16.84 -6.70 11.37
OD2 ASA D 5 14.76 -5.98 11.43
AS CAC E . -11.80 -6.59 -24.18
C1 CAC E . -10.44 -6.13 -25.51
C2 CAC E . -10.91 -6.42 -22.43
AS CAC F . -0.04 -1.72 -4.42
C1 CAC F . 1.18 -2.85 -3.35
C2 CAC F . 0.10 0.08 -3.66
AS CAC G . -7.44 21.02 -16.05
C1 CAC G . -9.20 20.76 -16.88
C2 CAC G . -6.96 22.92 -16.12
AS CAC H . -8.54 15.34 -23.38
C1 CAC H . -6.95 15.31 -24.52
C2 CAC H . -10.03 16.16 -24.37
C ACT I . -8.65 22.52 -20.58
O ACT I . -7.87 23.23 -19.90
OXT ACT I . -9.72 23.05 -20.92
CH3 ACT I . -8.29 21.12 -20.96
MG MG J . -17.53 -14.66 -15.48
AS CAC K . 4.80 0.07 0.80
C1 CAC K . 3.31 -1.21 0.94
C2 CAC K . 4.59 0.92 -0.97
AS CAC L . 23.20 2.34 15.20
C1 CAC L . 21.77 2.34 13.85
C2 CAC L . 24.45 0.95 14.62
AS CAC M . 13.48 -14.98 23.36
C1 CAC M . 12.64 -13.32 23.97
C2 CAC M . 15.18 -15.07 24.35
AS CAC N . 5.42 -19.79 18.89
C1 CAC N . 6.15 -18.56 20.23
C2 CAC N . 3.45 -19.78 19.01
#